data_6GR7
#
_entry.id   6GR7
#
_cell.length_a   42.878
_cell.length_b   85.486
_cell.length_c   64.488
_cell.angle_alpha   90.00
_cell.angle_beta   90.00
_cell.angle_gamma   90.00
#
_symmetry.space_group_name_H-M   'P 21 21 2'
#
loop_
_entity.id
_entity.type
_entity.pdbx_description
1 polymer Transthyretin
2 non-polymer '2-[2,4,5-tris(chloranyl)phenoxy]ethanoic acid'
3 water water
#
_entity_poly.entity_id   1
_entity_poly.type   'polypeptide(L)'
_entity_poly.pdbx_seq_one_letter_code
;GPTGTGESKCPLMVKVLDAVRGSPAINVAVHVFRKAADDTWEPFASGKTSESGELHGLTTEEEFVEGIYKVEIDTKSYWK
ALGISPFHEHAEVVFTANDSGPRRYTIAALLSPYSYSTTAVVTNPKE
;
_entity_poly.pdbx_strand_id   A,B
#
loop_
_chem_comp.id
_chem_comp.type
_chem_comp.name
_chem_comp.formula
F52 non-polymer '2-[2,4,5-tris(chloranyl)phenoxy]ethanoic acid' 'C8 H5 Cl3 O3'
#
# COMPACT_ATOMS: atom_id res chain seq x y z
N CYS A 10 13.48 12.69 15.56
N CYS A 10 12.58 12.66 15.65
CA CYS A 10 12.80 11.50 15.07
CA CYS A 10 12.57 11.32 15.07
C CYS A 10 12.66 11.58 13.55
C CYS A 10 12.52 11.44 13.54
N PRO A 11 13.38 10.72 12.82
CA PRO A 11 13.38 10.83 11.36
C PRO A 11 12.28 10.07 10.65
N LEU A 12 11.56 9.19 11.32
CA LEU A 12 10.52 8.37 10.66
C LEU A 12 9.41 8.18 11.66
N MET A 13 8.23 8.77 11.39
N MET A 13 8.24 8.72 11.36
CA MET A 13 7.06 8.69 12.26
CA MET A 13 7.09 8.60 12.21
C MET A 13 5.86 8.25 11.43
C MET A 13 5.93 8.09 11.37
N VAL A 14 4.98 7.46 12.04
CA VAL A 14 3.81 6.92 11.37
C VAL A 14 2.58 7.37 12.16
N LYS A 15 1.55 7.86 11.45
CA LYS A 15 0.29 8.25 12.06
C LYS A 15 -0.84 7.56 11.33
N VAL A 16 -1.77 6.98 12.07
CA VAL A 16 -2.88 6.22 11.48
C VAL A 16 -4.19 6.68 12.11
N LEU A 17 -5.16 6.94 11.25
CA LEU A 17 -6.51 7.36 11.64
C LEU A 17 -7.53 6.34 11.16
N ASP A 18 -8.65 6.26 11.88
CA ASP A 18 -9.77 5.36 11.59
C ASP A 18 -10.94 6.20 11.07
N ALA A 19 -11.30 6.00 9.80
CA ALA A 19 -12.34 6.76 9.14
C ALA A 19 -13.74 6.29 9.45
N VAL A 20 -13.90 5.15 10.13
CA VAL A 20 -15.21 4.67 10.56
C VAL A 20 -15.63 5.32 11.87
N ARG A 21 -14.69 5.41 12.80
CA ARG A 21 -14.94 5.92 14.13
C ARG A 21 -14.59 7.38 14.28
N GLY A 22 -13.83 7.96 13.38
CA GLY A 22 -13.41 9.33 13.57
C GLY A 22 -12.47 9.49 14.74
N SER A 23 -11.42 8.68 14.76
CA SER A 23 -10.55 8.57 15.90
C SER A 23 -9.16 8.17 15.42
N PRO A 24 -8.16 8.35 16.24
CA PRO A 24 -6.90 7.67 15.99
C PRO A 24 -7.11 6.16 15.91
N ALA A 25 -6.28 5.51 15.11
CA ALA A 25 -6.26 4.04 15.04
C ALA A 25 -5.18 3.59 16.02
N ILE A 26 -5.61 3.02 17.14
N ILE A 26 -5.60 3.05 17.16
CA ILE A 26 -4.78 2.68 18.28
CA ILE A 26 -4.67 2.74 18.25
C ILE A 26 -4.30 1.25 18.11
C ILE A 26 -4.27 1.28 18.17
N ASN A 27 -3.09 0.97 18.59
N ASN A 27 -3.03 1.00 18.59
CA ASN A 27 -2.59 -0.40 18.66
CA ASN A 27 -2.52 -0.37 18.67
C ASN A 27 -2.45 -1.04 17.29
C ASN A 27 -2.42 -1.03 17.30
N VAL A 28 -2.12 -0.24 16.28
CA VAL A 28 -1.84 -0.75 14.93
C VAL A 28 -0.38 -1.15 14.87
N ALA A 29 -0.13 -2.40 14.54
CA ALA A 29 1.25 -2.84 14.35
C ALA A 29 1.79 -2.33 13.04
N VAL A 30 3.07 -1.95 13.07
CA VAL A 30 3.81 -1.40 11.93
C VAL A 30 5.17 -2.07 11.86
N HIS A 31 5.51 -2.59 10.70
CA HIS A 31 6.82 -3.21 10.47
C HIS A 31 7.52 -2.47 9.34
N VAL A 32 8.77 -2.07 9.56
CA VAL A 32 9.56 -1.37 8.56
C VAL A 32 10.66 -2.29 8.08
N PHE A 33 10.85 -2.31 6.77
CA PHE A 33 11.90 -3.08 6.13
C PHE A 33 12.74 -2.17 5.26
N ARG A 34 13.97 -2.62 4.97
CA ARG A 34 14.89 -1.89 4.10
C ARG A 34 15.45 -2.87 3.10
N LYS A 35 15.46 -2.49 1.83
CA LYS A 35 16.01 -3.35 0.80
C LYS A 35 17.54 -3.49 0.95
N ALA A 36 18.00 -4.75 1.03
CA ALA A 36 19.41 -5.07 1.18
C ALA A 36 20.12 -5.10 -0.17
N ALA A 37 21.45 -5.24 -0.11
CA ALA A 37 22.26 -5.24 -1.34
C ALA A 37 21.83 -6.35 -2.28
N ASP A 38 21.36 -7.47 -1.73
CA ASP A 38 20.90 -8.62 -2.50
C ASP A 38 19.42 -8.51 -2.92
N ASP A 39 18.78 -7.39 -2.65
CA ASP A 39 17.41 -7.07 -3.09
C ASP A 39 16.31 -7.74 -2.29
N THR A 40 16.65 -8.39 -1.19
CA THR A 40 15.67 -8.80 -0.19
C THR A 40 15.27 -7.66 0.75
N TRP A 41 14.09 -7.81 1.36
CA TRP A 41 13.63 -6.90 2.39
C TRP A 41 14.17 -7.27 3.78
N GLU A 42 15.16 -6.63 4.38
N GLU A 42 15.16 -6.63 4.38
CA GLU A 42 15.58 -7.00 5.72
CA GLU A 42 15.63 -6.87 5.70
C GLU A 42 14.73 -6.24 6.71
C GLU A 42 14.82 -6.13 6.75
N PRO A 43 14.21 -6.93 7.72
N PRO A 43 14.54 -6.80 7.85
CA PRO A 43 13.63 -6.16 8.82
CA PRO A 43 13.75 -6.18 8.92
C PRO A 43 14.53 -5.00 9.25
C PRO A 43 14.53 -5.03 9.52
N PHE A 44 13.95 -3.89 9.63
CA PHE A 44 14.58 -2.64 10.01
C PHE A 44 14.09 -2.11 11.36
N ALA A 45 12.77 -2.05 11.56
CA ALA A 45 12.23 -1.58 12.83
C ALA A 45 10.77 -1.98 12.88
N SER A 46 10.20 -2.00 14.09
CA SER A 46 8.77 -2.23 14.22
C SER A 46 8.25 -1.61 15.49
N GLY A 47 6.93 -1.41 15.56
CA GLY A 47 6.30 -0.84 16.72
C GLY A 47 4.79 -0.85 16.55
N LYS A 48 4.09 -0.20 17.46
N LYS A 48 4.11 -0.18 17.47
CA LYS A 48 2.64 -0.10 17.35
CA LYS A 48 2.66 -0.07 17.43
C LYS A 48 2.19 1.29 17.74
C LYS A 48 2.27 1.38 17.65
N THR A 49 1.13 1.76 17.09
CA THR A 49 0.62 3.10 17.35
C THR A 49 0.06 3.22 18.76
N SER A 50 0.22 4.42 19.30
CA SER A 50 -0.19 4.77 20.65
C SER A 50 -1.66 5.19 20.65
N GLU A 51 -2.13 5.66 21.80
N GLU A 51 -2.11 5.68 21.81
CA GLU A 51 -3.51 6.12 21.88
CA GLU A 51 -3.48 6.16 21.94
C GLU A 51 -3.77 7.35 21.03
C GLU A 51 -3.76 7.35 21.03
N SER A 52 -2.74 8.05 20.58
CA SER A 52 -2.88 9.16 19.65
C SER A 52 -2.84 8.74 18.18
N GLY A 53 -2.69 7.44 17.92
CA GLY A 53 -2.51 6.96 16.56
C GLY A 53 -1.11 7.14 16.02
N GLU A 54 -0.15 7.53 16.85
CA GLU A 54 1.19 7.87 16.40
C GLU A 54 2.19 6.82 16.86
N LEU A 55 3.18 6.59 16.03
CA LEU A 55 4.28 5.69 16.34
C LEU A 55 5.57 6.45 16.15
N HIS A 56 6.26 6.71 17.26
CA HIS A 56 7.54 7.39 17.31
C HIS A 56 8.61 6.42 17.76
N GLY A 57 9.86 6.80 17.53
CA GLY A 57 10.98 6.01 18.04
C GLY A 57 11.35 4.79 17.25
N LEU A 58 10.89 4.68 16.00
CA LEU A 58 11.25 3.52 15.20
C LEU A 58 12.75 3.44 14.97
N THR A 59 13.41 4.58 14.74
CA THR A 59 14.83 4.56 14.34
C THR A 59 15.52 5.82 14.80
N THR A 60 16.80 5.89 14.50
CA THR A 60 17.63 7.03 14.86
C THR A 60 18.18 7.64 13.58
N GLU A 61 18.64 8.88 13.68
CA GLU A 61 19.27 9.51 12.53
C GLU A 61 20.49 8.70 12.04
N GLU A 62 21.27 8.14 12.96
CA GLU A 62 22.46 7.39 12.52
C GLU A 62 22.09 6.14 11.74
N GLU A 63 21.06 5.43 12.21
N GLU A 63 21.08 5.39 12.19
CA GLU A 63 20.65 4.15 11.66
CA GLU A 63 20.75 4.12 11.57
C GLU A 63 19.89 4.30 10.34
C GLU A 63 19.83 4.26 10.35
N PHE A 64 19.16 5.40 10.20
CA PHE A 64 18.25 5.61 9.07
C PHE A 64 19.02 6.18 7.87
N VAL A 65 19.81 5.32 7.25
CA VAL A 65 20.65 5.69 6.12
C VAL A 65 19.85 5.72 4.82
N GLU A 66 20.46 6.20 3.74
N GLU A 66 20.50 6.07 3.73
CA GLU A 66 19.85 6.04 2.42
CA GLU A 66 19.86 6.02 2.42
C GLU A 66 19.34 4.62 2.25
C GLU A 66 19.45 4.60 2.08
N GLY A 67 18.29 4.46 1.46
CA GLY A 67 17.84 3.15 1.05
C GLY A 67 16.40 3.21 0.60
N ILE A 68 15.92 2.06 0.19
CA ILE A 68 14.52 1.87 -0.16
C ILE A 68 13.88 1.20 1.03
N TYR A 69 12.88 1.84 1.59
CA TYR A 69 12.18 1.38 2.77
C TYR A 69 10.74 1.00 2.46
N LYS A 70 10.24 0.00 3.19
CA LYS A 70 8.85 -0.41 3.14
C LYS A 70 8.28 -0.29 4.54
N VAL A 71 7.22 0.49 4.68
CA VAL A 71 6.48 0.63 5.92
C VAL A 71 5.20 -0.17 5.74
N GLU A 72 5.10 -1.29 6.43
N GLU A 72 5.06 -1.29 6.43
CA GLU A 72 3.95 -2.16 6.39
CA GLU A 72 3.90 -2.18 6.30
C GLU A 72 3.06 -1.81 7.58
C GLU A 72 3.00 -2.01 7.52
N ILE A 73 1.82 -1.45 7.30
CA ILE A 73 0.86 -1.11 8.36
C ILE A 73 -0.13 -2.28 8.41
N ASP A 74 -0.24 -2.92 9.56
CA ASP A 74 -0.98 -4.19 9.64
C ASP A 74 -2.47 -3.91 9.87
N THR A 75 -3.09 -3.44 8.78
CA THR A 75 -4.49 -3.02 8.85
C THR A 75 -5.43 -4.20 9.07
N LYS A 76 -5.15 -5.38 8.50
CA LYS A 76 -6.05 -6.51 8.70
C LYS A 76 -6.11 -6.91 10.16
N SER A 77 -4.94 -6.99 10.81
CA SER A 77 -4.90 -7.31 12.23
C SER A 77 -5.63 -6.26 13.06
N TYR A 78 -5.54 -4.98 12.66
CA TYR A 78 -6.28 -3.93 13.34
C TYR A 78 -7.78 -4.14 13.27
N TRP A 79 -8.33 -4.30 12.04
CA TRP A 79 -9.78 -4.46 11.88
C TRP A 79 -10.26 -5.76 12.53
N LYS A 80 -9.50 -6.84 12.38
N LYS A 80 -9.48 -6.83 12.39
CA LYS A 80 -9.97 -8.10 12.94
CA LYS A 80 -9.87 -8.12 12.96
C LYS A 80 -10.03 -8.08 14.46
C LYS A 80 -9.85 -8.08 14.49
N ALA A 81 -9.24 -7.23 15.11
N ALA A 81 -8.83 -7.44 15.07
CA ALA A 81 -9.36 -7.08 16.56
CA ALA A 81 -8.83 -7.24 16.52
C ALA A 81 -10.68 -6.41 16.92
C ALA A 81 -10.05 -6.46 16.98
N LEU A 82 -11.13 -5.45 16.11
N LEU A 82 -10.74 -5.78 16.07
CA LEU A 82 -12.44 -4.85 16.23
CA LEU A 82 -11.97 -5.06 16.40
C LEU A 82 -13.54 -5.71 15.63
C LEU A 82 -13.22 -5.80 15.95
N GLY A 83 -13.26 -7.00 15.43
N GLY A 83 -13.08 -7.01 15.39
CA GLY A 83 -14.25 -7.93 14.90
CA GLY A 83 -14.24 -7.76 14.97
C GLY A 83 -14.75 -7.58 13.52
C GLY A 83 -14.81 -7.40 13.62
N ILE A 84 -13.97 -6.83 12.74
CA ILE A 84 -14.36 -6.43 11.40
C ILE A 84 -13.51 -7.21 10.39
N SER A 85 -14.13 -7.63 9.29
N SER A 85 -14.15 -7.71 9.34
CA SER A 85 -13.46 -8.41 8.26
CA SER A 85 -13.45 -8.41 8.27
C SER A 85 -13.10 -7.52 7.07
C SER A 85 -13.13 -7.37 7.20
N PRO A 86 -11.86 -7.03 6.97
CA PRO A 86 -11.55 -6.01 5.95
C PRO A 86 -11.06 -6.60 4.65
N PHE A 87 -10.82 -5.74 3.66
CA PHE A 87 -10.39 -6.21 2.34
C PHE A 87 -8.89 -6.47 2.27
N HIS A 88 -8.08 -5.50 2.69
CA HIS A 88 -6.65 -5.57 2.46
C HIS A 88 -5.97 -6.37 3.54
N GLU A 89 -4.85 -6.98 3.17
CA GLU A 89 -4.01 -7.64 4.16
C GLU A 89 -3.25 -6.63 4.99
N HIS A 90 -2.77 -5.58 4.36
CA HIS A 90 -2.02 -4.53 5.01
C HIS A 90 -2.01 -3.35 4.07
N ALA A 91 -1.45 -2.25 4.54
CA ALA A 91 -1.17 -1.11 3.70
C ALA A 91 0.33 -0.95 3.68
N GLU A 92 0.91 -0.98 2.48
CA GLU A 92 2.36 -0.94 2.31
C GLU A 92 2.73 0.38 1.67
N VAL A 93 3.76 1.00 2.20
CA VAL A 93 4.25 2.28 1.71
C VAL A 93 5.73 2.08 1.40
N VAL A 94 6.11 2.17 0.13
CA VAL A 94 7.48 1.90 -0.30
C VAL A 94 8.09 3.15 -0.92
N PHE A 95 9.25 3.55 -0.44
CA PHE A 95 9.85 4.82 -0.85
C PHE A 95 11.35 4.82 -0.66
N THR A 96 12.03 5.58 -1.49
CA THR A 96 13.45 5.86 -1.28
C THR A 96 13.59 6.98 -0.27
N ALA A 97 14.47 6.81 0.71
CA ALA A 97 14.68 7.79 1.76
C ALA A 97 16.11 8.28 1.76
N ASN A 98 16.29 9.56 2.10
CA ASN A 98 17.57 10.18 2.41
C ASN A 98 18.52 10.26 1.22
N ASP A 99 18.00 10.25 0.00
CA ASP A 99 18.84 10.23 -1.19
C ASP A 99 19.46 11.59 -1.51
N SER A 100 18.93 12.68 -0.93
CA SER A 100 19.54 14.00 -1.01
C SER A 100 19.98 14.47 0.37
N GLY A 101 20.34 13.53 1.23
CA GLY A 101 20.68 13.83 2.59
C GLY A 101 19.53 13.56 3.52
N PRO A 102 19.80 13.68 4.82
CA PRO A 102 18.81 13.30 5.82
C PRO A 102 17.56 14.16 5.72
N ARG A 103 16.41 13.49 5.79
CA ARG A 103 15.12 14.14 5.90
C ARG A 103 14.31 13.48 7.00
N ARG A 104 13.26 14.16 7.41
CA ARG A 104 12.30 13.63 8.37
C ARG A 104 11.04 13.27 7.63
N TYR A 105 10.55 12.06 7.87
CA TYR A 105 9.42 11.51 7.13
C TYR A 105 8.28 11.23 8.10
N THR A 106 7.09 11.70 7.76
CA THR A 106 5.87 11.26 8.42
C THR A 106 5.03 10.52 7.40
N ILE A 107 4.70 9.26 7.70
CA ILE A 107 3.82 8.45 6.87
C ILE A 107 2.48 8.42 7.56
N ALA A 108 1.46 8.92 6.89
CA ALA A 108 0.12 8.96 7.44
C ALA A 108 -0.77 8.03 6.66
N ALA A 109 -1.70 7.40 7.35
CA ALA A 109 -2.66 6.52 6.69
C ALA A 109 -4.04 6.70 7.32
N LEU A 110 -5.05 6.73 6.47
CA LEU A 110 -6.44 6.84 6.88
C LEU A 110 -7.13 5.56 6.44
N LEU A 111 -7.69 4.84 7.40
CA LEU A 111 -8.18 3.48 7.18
C LEU A 111 -9.70 3.36 7.17
N SER A 112 -10.22 2.63 6.19
CA SER A 112 -11.58 2.13 6.16
C SER A 112 -11.53 0.64 5.85
N PRO A 113 -12.61 -0.10 6.07
CA PRO A 113 -12.53 -1.55 5.85
C PRO A 113 -12.16 -1.94 4.42
N TYR A 114 -12.60 -1.20 3.41
CA TYR A 114 -12.31 -1.54 2.01
C TYR A 114 -11.48 -0.48 1.29
N SER A 115 -10.82 0.41 2.01
N SER A 115 -10.83 0.41 2.03
CA SER A 115 -10.10 1.50 1.36
CA SER A 115 -10.05 1.47 1.42
C SER A 115 -9.14 2.11 2.36
C SER A 115 -9.01 1.94 2.41
N TYR A 116 -8.01 2.60 1.84
CA TYR A 116 -7.09 3.40 2.65
C TYR A 116 -6.47 4.47 1.78
N SER A 117 -6.07 5.56 2.44
CA SER A 117 -5.34 6.65 1.84
C SER A 117 -4.04 6.77 2.60
N THR A 118 -2.96 7.10 1.91
CA THR A 118 -1.69 7.33 2.57
C THR A 118 -1.01 8.54 1.95
N THR A 119 -0.36 9.33 2.80
CA THR A 119 0.40 10.47 2.30
C THR A 119 1.69 10.53 3.08
N ALA A 120 2.62 11.28 2.55
CA ALA A 120 3.91 11.47 3.18
C ALA A 120 4.16 12.95 3.34
N VAL A 121 4.68 13.33 4.49
CA VAL A 121 5.18 14.68 4.72
C VAL A 121 6.68 14.55 4.92
N VAL A 122 7.44 15.24 4.10
CA VAL A 122 8.90 15.15 4.10
C VAL A 122 9.44 16.53 4.42
N THR A 123 10.22 16.65 5.49
CA THR A 123 10.77 17.95 5.89
C THR A 123 12.29 17.85 5.98
N ASN A 124 12.95 18.99 5.76
CA ASN A 124 14.40 19.07 5.82
C ASN A 124 14.76 19.76 7.12
N PRO A 125 15.39 19.07 8.09
CA PRO A 125 15.61 19.67 9.42
C PRO A 125 16.55 20.88 9.39
N CYS B 10 -15.08 -10.92 -16.25
CA CYS B 10 -13.86 -10.26 -15.81
C CYS B 10 -13.84 -10.23 -14.29
N PRO B 11 -13.07 -11.12 -13.66
CA PRO B 11 -13.10 -11.19 -12.20
C PRO B 11 -12.26 -10.11 -11.54
N LEU B 12 -11.32 -9.49 -12.24
CA LEU B 12 -10.38 -8.55 -11.63
C LEU B 12 -10.08 -7.44 -12.61
N MET B 13 -10.41 -6.20 -12.23
N MET B 13 -10.38 -6.21 -12.20
CA MET B 13 -10.16 -5.02 -13.05
CA MET B 13 -10.17 -5.03 -13.00
C MET B 13 -9.48 -3.97 -12.18
C MET B 13 -9.39 -4.03 -12.14
N VAL B 14 -8.59 -3.20 -12.80
CA VAL B 14 -7.83 -2.16 -12.11
C VAL B 14 -8.12 -0.83 -12.81
N LYS B 15 -8.36 0.21 -12.02
CA LYS B 15 -8.60 1.55 -12.55
C LYS B 15 -7.70 2.52 -11.81
N VAL B 16 -7.05 3.42 -12.55
CA VAL B 16 -6.10 4.36 -11.97
C VAL B 16 -6.43 5.76 -12.46
N LEU B 17 -6.49 6.70 -11.54
CA LEU B 17 -6.80 8.10 -11.81
C LEU B 17 -5.66 9.00 -11.32
N ASP B 18 -5.54 10.16 -11.96
CA ASP B 18 -4.49 11.15 -11.72
C ASP B 18 -5.15 12.38 -11.10
N ALA B 19 -4.78 12.67 -9.86
CA ALA B 19 -5.38 13.77 -9.09
C ALA B 19 -4.72 15.12 -9.36
N VAL B 20 -3.60 15.16 -10.10
CA VAL B 20 -2.97 16.42 -10.45
C VAL B 20 -3.60 17.02 -11.70
N ARG B 21 -3.89 16.18 -12.68
CA ARG B 21 -4.48 16.63 -13.93
C ARG B 21 -5.98 16.37 -14.02
N GLY B 22 -6.56 15.59 -13.12
CA GLY B 22 -7.96 15.32 -13.19
C GLY B 22 -8.30 14.45 -14.39
N SER B 23 -7.58 13.34 -14.54
CA SER B 23 -7.64 12.56 -15.75
C SER B 23 -7.44 11.10 -15.39
N PRO B 24 -7.80 10.19 -16.28
N PRO B 24 -7.83 10.19 -16.26
CA PRO B 24 -7.34 8.80 -16.13
CA PRO B 24 -7.32 8.83 -16.14
C PRO B 24 -5.82 8.75 -16.24
C PRO B 24 -5.81 8.87 -16.09
N ALA B 25 -5.22 7.86 -15.44
CA ALA B 25 -3.78 7.64 -15.49
C ALA B 25 -3.51 6.60 -16.56
N ILE B 26 -2.97 7.03 -17.69
CA ILE B 26 -2.84 6.26 -18.91
C ILE B 26 -1.45 5.64 -18.99
N ASN B 27 -1.39 4.39 -19.46
N ASN B 27 -1.38 4.41 -19.49
CA ASN B 27 -0.13 3.70 -19.74
CA ASN B 27 -0.10 3.74 -19.71
C ASN B 27 0.64 3.40 -18.45
C ASN B 27 0.65 3.53 -18.40
N VAL B 28 -0.08 3.19 -17.35
CA VAL B 28 0.52 2.79 -16.09
C VAL B 28 0.72 1.29 -16.11
N ALA B 29 1.92 0.84 -15.82
CA ALA B 29 2.17 -0.58 -15.70
C ALA B 29 1.62 -1.11 -14.40
N VAL B 30 0.96 -2.26 -14.50
CA VAL B 30 0.35 -2.93 -13.38
C VAL B 30 0.78 -4.38 -13.43
N HIS B 31 1.29 -4.90 -12.31
CA HIS B 31 1.69 -6.29 -12.19
C HIS B 31 0.93 -6.94 -11.06
N VAL B 32 0.37 -8.11 -11.32
CA VAL B 32 -0.39 -8.87 -10.34
C VAL B 32 0.35 -10.14 -10.03
N PHE B 33 0.40 -10.48 -8.76
CA PHE B 33 1.10 -11.66 -8.26
C PHE B 33 0.16 -12.44 -7.37
N ARG B 34 0.42 -13.74 -7.24
N ARG B 34 0.39 -13.74 -7.29
CA ARG B 34 -0.33 -14.60 -6.34
CA ARG B 34 -0.29 -14.59 -6.33
C ARG B 34 0.64 -15.24 -5.37
C ARG B 34 0.73 -15.11 -5.34
N LYS B 35 0.31 -15.21 -4.08
CA LYS B 35 1.21 -15.72 -3.05
C LYS B 35 1.29 -17.24 -3.13
N ALA B 36 2.49 -17.77 -3.25
CA ALA B 36 2.69 -19.21 -3.36
C ALA B 36 2.79 -19.82 -1.97
N ALA B 37 2.82 -21.15 -1.94
CA ALA B 37 2.80 -21.87 -0.67
C ALA B 37 4.04 -21.58 0.17
N ASP B 38 5.16 -21.28 -0.47
CA ASP B 38 6.39 -20.93 0.24
C ASP B 38 6.48 -19.44 0.57
N ASP B 39 5.38 -18.71 0.38
CA ASP B 39 5.24 -17.29 0.73
C ASP B 39 5.96 -16.34 -0.21
N THR B 40 6.40 -16.80 -1.38
CA THR B 40 6.91 -15.89 -2.39
C THR B 40 5.76 -15.42 -3.28
N TRP B 41 6.03 -14.41 -4.09
CA TRP B 41 5.04 -13.81 -4.97
C TRP B 41 5.28 -14.32 -6.38
N GLU B 42 4.35 -15.09 -6.90
N GLU B 42 4.35 -15.15 -6.89
CA GLU B 42 4.50 -15.64 -8.24
CA GLU B 42 4.50 -15.65 -8.25
C GLU B 42 3.78 -14.77 -9.25
C GLU B 42 3.81 -14.71 -9.23
N PRO B 43 4.44 -14.36 -10.34
CA PRO B 43 3.74 -13.57 -11.36
C PRO B 43 2.46 -14.25 -11.80
N PHE B 44 1.44 -13.43 -12.01
CA PHE B 44 0.11 -13.92 -12.32
C PHE B 44 -0.46 -13.25 -13.57
N ALA B 45 -0.35 -11.93 -13.69
CA ALA B 45 -0.92 -11.19 -14.81
C ALA B 45 -0.30 -9.81 -14.79
N SER B 46 -0.31 -9.15 -15.94
CA SER B 46 0.15 -7.76 -16.01
C SER B 46 -0.39 -7.07 -17.25
N GLY B 47 -0.28 -5.75 -17.25
CA GLY B 47 -0.72 -4.96 -18.39
C GLY B 47 -0.44 -3.50 -18.12
N LYS B 48 -0.92 -2.67 -19.05
CA LYS B 48 -0.80 -1.22 -18.96
C LYS B 48 -2.20 -0.66 -19.00
N THR B 49 -2.49 0.36 -18.18
CA THR B 49 -3.82 0.96 -18.24
C THR B 49 -4.04 1.62 -19.60
N SER B 50 -5.31 1.61 -20.00
CA SER B 50 -5.76 2.13 -21.27
C SER B 50 -5.95 3.64 -21.20
N GLU B 51 -6.44 4.19 -22.31
CA GLU B 51 -6.78 5.60 -22.37
C GLU B 51 -7.79 6.01 -21.31
N SER B 52 -8.61 5.08 -20.82
CA SER B 52 -9.59 5.37 -19.80
C SER B 52 -9.07 5.11 -18.40
N GLY B 53 -7.79 4.77 -18.26
CA GLY B 53 -7.24 4.46 -16.96
C GLY B 53 -7.52 3.07 -16.49
N GLU B 54 -8.05 2.20 -17.34
CA GLU B 54 -8.54 0.90 -16.92
C GLU B 54 -7.69 -0.20 -17.52
N LEU B 55 -7.62 -1.29 -16.78
CA LEU B 55 -6.93 -2.49 -17.23
C LEU B 55 -7.87 -3.68 -17.02
N HIS B 56 -8.34 -4.24 -18.13
CA HIS B 56 -9.27 -5.34 -18.16
C HIS B 56 -8.53 -6.56 -18.70
N GLY B 57 -9.18 -7.71 -18.55
CA GLY B 57 -8.67 -8.92 -19.17
C GLY B 57 -7.47 -9.51 -18.50
N LEU B 58 -7.20 -9.15 -17.26
CA LEU B 58 -6.03 -9.68 -16.56
C LEU B 58 -6.13 -11.19 -16.36
N THR B 59 -7.33 -11.71 -16.05
CA THR B 59 -7.48 -13.12 -15.71
C THR B 59 -8.88 -13.60 -16.09
N THR B 60 -9.12 -14.89 -15.88
CA THR B 60 -10.42 -15.50 -16.12
C THR B 60 -10.93 -16.10 -14.83
N GLU B 61 -12.22 -16.39 -14.80
CA GLU B 61 -12.80 -17.03 -13.62
C GLU B 61 -12.08 -18.33 -13.28
N GLU B 62 -11.76 -19.13 -14.30
CA GLU B 62 -11.13 -20.41 -14.05
C GLU B 62 -9.78 -20.27 -13.37
N GLU B 63 -9.01 -19.24 -13.72
CA GLU B 63 -7.66 -19.12 -13.18
C GLU B 63 -7.61 -18.37 -11.85
N PHE B 64 -8.62 -17.56 -11.54
CA PHE B 64 -8.58 -16.65 -10.39
C PHE B 64 -9.18 -17.31 -9.14
N VAL B 65 -8.42 -18.25 -8.60
CA VAL B 65 -8.87 -19.00 -7.45
C VAL B 65 -8.62 -18.25 -6.15
N GLU B 66 -9.20 -18.74 -5.05
CA GLU B 66 -8.99 -18.11 -3.76
C GLU B 66 -7.51 -18.04 -3.43
N GLY B 67 -7.14 -17.02 -2.70
CA GLY B 67 -5.77 -16.87 -2.25
C GLY B 67 -5.47 -15.41 -2.08
N ILE B 68 -4.21 -15.13 -1.75
CA ILE B 68 -3.72 -13.77 -1.53
C ILE B 68 -3.05 -13.29 -2.80
N TYR B 69 -3.45 -12.10 -3.27
CA TYR B 69 -2.94 -11.49 -4.47
C TYR B 69 -2.35 -10.12 -4.14
N LYS B 70 -1.36 -9.73 -4.92
CA LYS B 70 -0.74 -8.41 -4.82
C LYS B 70 -0.86 -7.74 -6.17
N VAL B 71 -1.38 -6.51 -6.18
CA VAL B 71 -1.43 -5.69 -7.37
C VAL B 71 -0.46 -4.55 -7.17
N GLU B 72 0.62 -4.54 -7.94
N GLU B 72 0.54 -4.47 -8.03
CA GLU B 72 1.60 -3.46 -7.90
CA GLU B 72 1.62 -3.48 -7.92
C GLU B 72 1.31 -2.52 -9.05
C GLU B 72 1.51 -2.50 -9.07
N ILE B 73 1.24 -1.23 -8.74
CA ILE B 73 0.99 -0.18 -9.73
C ILE B 73 2.27 0.65 -9.81
N ASP B 74 2.85 0.78 -10.99
N ASP B 74 2.88 0.76 -11.00
CA ASP B 74 4.18 1.39 -11.11
CA ASP B 74 4.18 1.42 -11.15
C ASP B 74 4.07 2.92 -11.21
C ASP B 74 3.96 2.93 -11.23
N THR B 75 3.71 3.51 -10.06
CA THR B 75 3.43 4.94 -9.99
C THR B 75 4.68 5.78 -10.23
N LYS B 76 5.86 5.32 -9.80
CA LYS B 76 7.04 6.14 -9.99
C LYS B 76 7.32 6.37 -11.46
N SER B 77 7.23 5.32 -12.28
CA SER B 77 7.48 5.49 -13.71
C SER B 77 6.44 6.39 -14.34
N TYR B 78 5.19 6.31 -13.87
CA TYR B 78 4.14 7.16 -14.38
C TYR B 78 4.49 8.63 -14.18
N TRP B 79 4.83 9.01 -12.95
CA TRP B 79 5.17 10.41 -12.66
C TRP B 79 6.44 10.83 -13.38
N LYS B 80 7.45 9.97 -13.42
CA LYS B 80 8.69 10.33 -14.10
C LYS B 80 8.46 10.59 -15.58
N ALA B 81 7.61 9.79 -16.24
CA ALA B 81 7.32 10.03 -17.66
C ALA B 81 6.61 11.37 -17.88
N LEU B 82 5.95 11.90 -16.86
CA LEU B 82 5.32 13.21 -16.93
C LEU B 82 6.23 14.32 -16.44
N GLY B 83 7.47 14.02 -16.05
CA GLY B 83 8.38 15.04 -15.60
C GLY B 83 8.15 15.51 -14.18
N ILE B 84 7.57 14.65 -13.36
CA ILE B 84 7.19 15.01 -12.00
C ILE B 84 7.90 14.09 -11.01
N SER B 85 8.36 14.67 -9.91
CA SER B 85 9.12 13.93 -8.91
C SER B 85 8.20 13.36 -7.83
N PRO B 86 8.13 12.03 -7.76
CA PRO B 86 7.18 11.35 -6.86
C PRO B 86 7.83 10.79 -5.60
N PHE B 87 7.01 10.46 -4.60
CA PHE B 87 7.51 9.93 -3.34
C PHE B 87 7.67 8.41 -3.37
N HIS B 88 6.64 7.72 -3.85
CA HIS B 88 6.57 6.26 -3.72
C HIS B 88 7.28 5.57 -4.85
N GLU B 89 7.83 4.38 -4.56
CA GLU B 89 8.36 3.55 -5.63
C GLU B 89 7.24 2.97 -6.47
N HIS B 90 6.15 2.60 -5.84
CA HIS B 90 4.99 1.99 -6.46
C HIS B 90 3.88 2.02 -5.42
N ALA B 91 2.68 1.68 -5.84
CA ALA B 91 1.56 1.49 -4.93
C ALA B 91 1.25 0.00 -4.98
N GLU B 92 1.10 -0.59 -3.81
CA GLU B 92 0.85 -2.02 -3.67
C GLU B 92 -0.49 -2.21 -2.99
N VAL B 93 -1.29 -3.12 -3.54
CA VAL B 93 -2.59 -3.45 -2.98
C VAL B 93 -2.58 -4.96 -2.78
N VAL B 94 -2.68 -5.42 -1.54
CA VAL B 94 -2.58 -6.84 -1.19
C VAL B 94 -3.89 -7.24 -0.53
N PHE B 95 -4.50 -8.34 -1.00
CA PHE B 95 -5.83 -8.71 -0.54
C PHE B 95 -6.05 -10.19 -0.74
N THR B 96 -7.05 -10.73 -0.04
CA THR B 96 -7.45 -12.13 -0.22
C THR B 96 -8.70 -12.19 -1.09
N ALA B 97 -8.64 -12.99 -2.16
CA ALA B 97 -9.84 -13.33 -2.92
C ALA B 97 -10.59 -14.45 -2.19
N ASN B 98 -11.90 -14.23 -2.02
N ASN B 98 -11.87 -14.22 -1.93
CA ASN B 98 -12.78 -15.11 -1.28
CA ASN B 98 -12.67 -15.17 -1.14
C ASN B 98 -13.94 -15.47 -2.19
C ASN B 98 -13.95 -15.49 -1.88
N ASP B 99 -14.31 -16.75 -2.21
CA ASP B 99 -15.43 -17.17 -3.04
C ASP B 99 -16.78 -16.93 -2.37
N SER B 100 -16.81 -16.73 -1.05
CA SER B 100 -18.06 -16.38 -0.39
C SER B 100 -18.52 -15.00 -0.81
N GLY B 101 -17.60 -14.04 -0.90
CA GLY B 101 -17.95 -12.70 -1.27
C GLY B 101 -18.41 -12.62 -2.71
N PRO B 102 -18.76 -11.41 -3.13
CA PRO B 102 -19.20 -11.22 -4.52
C PRO B 102 -18.06 -11.51 -5.48
N ARG B 103 -18.45 -11.81 -6.73
CA ARG B 103 -17.55 -12.37 -7.75
C ARG B 103 -16.45 -11.45 -8.25
N ARG B 104 -16.81 -10.20 -8.49
CA ARG B 104 -16.01 -9.31 -9.33
C ARG B 104 -15.30 -8.29 -8.46
N TYR B 105 -14.01 -8.14 -8.67
CA TYR B 105 -13.16 -7.23 -7.89
C TYR B 105 -12.68 -6.09 -8.78
N THR B 106 -12.93 -4.85 -8.37
CA THR B 106 -12.31 -3.69 -8.97
C THR B 106 -11.40 -3.06 -7.93
N ILE B 107 -10.14 -2.91 -8.28
CA ILE B 107 -9.16 -2.21 -7.47
C ILE B 107 -8.96 -0.85 -8.13
N ALA B 108 -9.31 0.21 -7.42
CA ALA B 108 -9.12 1.56 -7.93
C ALA B 108 -8.06 2.28 -7.12
N ALA B 109 -7.30 3.13 -7.80
CA ALA B 109 -6.24 3.92 -7.17
C ALA B 109 -6.29 5.35 -7.70
N LEU B 110 -6.19 6.30 -6.79
CA LEU B 110 -6.14 7.72 -7.10
C LEU B 110 -4.76 8.23 -6.73
N LEU B 111 -4.02 8.74 -7.70
CA LEU B 111 -2.60 9.03 -7.53
C LEU B 111 -2.32 10.52 -7.42
N SER B 112 -1.50 10.91 -6.43
CA SER B 112 -0.85 12.20 -6.36
C SER B 112 0.65 11.97 -6.17
N PRO B 113 1.49 12.98 -6.35
CA PRO B 113 2.93 12.72 -6.26
C PRO B 113 3.36 12.21 -4.91
N TYR B 114 2.79 12.69 -3.79
CA TYR B 114 3.16 12.27 -2.45
C TYR B 114 2.05 11.55 -1.70
N SER B 115 1.03 11.06 -2.40
N SER B 115 1.02 11.08 -2.40
CA SER B 115 -0.10 10.42 -1.73
CA SER B 115 -0.06 10.37 -1.75
C SER B 115 -0.83 9.54 -2.74
C SER B 115 -0.73 9.46 -2.76
N TYR B 116 -1.44 8.46 -2.24
CA TYR B 116 -2.40 7.73 -3.05
C TYR B 116 -3.50 7.19 -2.15
N SER B 117 -4.66 6.99 -2.77
CA SER B 117 -5.80 6.37 -2.12
C SER B 117 -6.15 5.15 -2.97
N THR B 118 -6.63 4.10 -2.30
CA THR B 118 -7.06 2.92 -3.03
C THR B 118 -8.31 2.37 -2.38
N THR B 119 -9.21 1.84 -3.19
CA THR B 119 -10.40 1.23 -2.66
C THR B 119 -10.68 -0.01 -3.49
N ALA B 120 -11.52 -0.85 -2.92
CA ALA B 120 -11.95 -2.06 -3.58
C ALA B 120 -13.46 -2.02 -3.72
N VAL B 121 -13.95 -2.36 -4.88
CA VAL B 121 -15.37 -2.50 -5.12
C VAL B 121 -15.58 -3.95 -5.49
N VAL B 122 -16.33 -4.67 -4.67
CA VAL B 122 -16.54 -6.10 -4.87
C VAL B 122 -18.02 -6.30 -5.09
N THR B 123 -18.41 -6.75 -6.30
CA THR B 123 -19.82 -6.83 -6.68
C THR B 123 -20.16 -8.16 -7.35
N ASN B 124 -21.47 -8.40 -7.46
CA ASN B 124 -22.01 -9.50 -8.24
C ASN B 124 -22.76 -8.96 -9.46
N PRO B 125 -22.81 -9.72 -10.57
CA PRO B 125 -23.62 -9.30 -11.72
C PRO B 125 -25.11 -9.57 -11.49
O01 F52 C . -2.83 14.17 10.55
C02 F52 C . -2.35 14.97 9.63
O03 F52 C . -1.15 15.14 9.46
C04 F52 C . -3.37 15.69 8.80
O05 F52 C . -4.55 14.94 8.61
C06 F52 C . -4.42 13.79 7.89
C07 F52 C . -4.22 12.57 8.49
C08 F52 C . -4.09 11.43 7.72
CL1 F52 C . -3.86 9.95 8.52
C10 F52 C . -4.14 11.51 6.33
CL2 F52 C . -3.96 10.08 5.37
C12 F52 C . -4.33 12.74 5.71
C13 F52 C . -4.46 13.87 6.52
CL3 F52 C . -4.71 15.42 5.77
O01 F52 D . -14.82 4.03 -11.00
C02 F52 D . -14.36 4.65 -9.96
O03 F52 D . -14.02 4.06 -8.94
C04 F52 D . -14.26 6.15 -10.07
O05 F52 D . -14.34 6.78 -8.78
C06 F52 D . -13.29 6.59 -7.90
C07 F52 D . -12.00 6.30 -8.29
C08 F52 D . -10.99 6.13 -7.37
CL1 F52 D . -9.41 5.78 -7.92
C10 F52 D . -11.25 6.25 -6.01
CL2 F52 D . -10.01 6.03 -4.85
C12 F52 D . -12.55 6.54 -5.57
C13 F52 D . -13.56 6.71 -6.53
CL3 F52 D . -15.18 7.07 -6.01
#